data_4K9Y
#
_entry.id   4K9Y
#
_cell.length_a   134.790
_cell.length_b   61.770
_cell.length_c   61.900
_cell.angle_alpha   90.00
_cell.angle_beta   100.50
_cell.angle_gamma   90.00
#
_symmetry.space_group_name_H-M   'C 1 2 1'
#
loop_
_entity.id
_entity.type
_entity.pdbx_description
1 polymer 'Focal adhesion kinase 1'
2 non-polymer 1-[4-(6-amino-9H-purin-9-yl)phenyl]-3-[3-tert-butyl-1-(4-methylphenyl)-1H-pyrazol-5-yl]urea
3 water water
#
_entity_poly.entity_id   1
_entity_poly.type   'polypeptide(L)'
_entity_poly.pdbx_seq_one_letter_code
;GSPSTRDYEIQRERIELGRCIGEGQFGDVHQGIYMSPENPALAVAIKTCKNCTSDSVREKFLQEALTMRQFDHPHIVKLI
GVITENPVWIIMELCTLGELRSFLQVRKYSLDLASLILYAYQLSTALAYLESKRFVHRDIAARNVLVSSNDCVKLGDFGL
SRYMEDSTYYKASKGKLPIKWMAPESINFRRFTSASDVWMFGVCMWEILMHGVKPFQGVKNNDVIGRIENGERLPMPPNC
PPTLYSLMTKCWAYDPSRRPRFTELKAQLSTILEEEKAQ
;
_entity_poly.pdbx_strand_id   A
#
# COMPACT_ATOMS: atom_id res chain seq x y z
N TYR A 8 23.85 -3.93 1.24
CA TYR A 8 22.64 -4.55 0.71
C TYR A 8 22.91 -5.60 -0.39
N GLU A 9 24.18 -5.80 -0.82
CA GLU A 9 24.49 -6.81 -1.84
C GLU A 9 24.27 -8.21 -1.28
N ILE A 10 23.64 -9.09 -2.07
CA ILE A 10 23.29 -10.47 -1.68
C ILE A 10 23.97 -11.44 -2.63
N GLN A 11 24.38 -12.61 -2.11
CA GLN A 11 24.98 -13.68 -2.92
C GLN A 11 23.86 -14.48 -3.58
N ARG A 12 23.85 -14.54 -4.93
CA ARG A 12 22.84 -15.27 -5.71
C ARG A 12 22.71 -16.77 -5.34
N GLU A 13 23.85 -17.44 -5.02
CA GLU A 13 23.85 -18.88 -4.65
C GLU A 13 23.03 -19.17 -3.38
N ARG A 14 22.79 -18.13 -2.53
CA ARG A 14 21.99 -18.23 -1.30
C ARG A 14 20.49 -18.09 -1.55
N ILE A 15 20.11 -17.80 -2.81
CA ILE A 15 18.72 -17.64 -3.19
C ILE A 15 18.24 -18.89 -3.92
N GLU A 16 17.14 -19.50 -3.47
CA GLU A 16 16.54 -20.60 -4.21
C GLU A 16 15.39 -19.94 -4.97
N LEU A 17 15.52 -19.86 -6.30
CA LEU A 17 14.51 -19.20 -7.11
C LEU A 17 13.33 -20.14 -7.33
N GLY A 18 12.15 -19.74 -6.87
CA GLY A 18 10.93 -20.53 -7.01
C GLY A 18 10.09 -20.13 -8.21
N ARG A 19 8.79 -20.46 -8.14
CA ARG A 19 7.83 -20.19 -9.21
C ARG A 19 7.65 -18.70 -9.52
N CYS A 20 7.26 -18.40 -10.76
CA CYS A 20 6.94 -17.04 -11.16
C CYS A 20 5.58 -16.70 -10.55
N ILE A 21 5.48 -15.57 -9.84
CA ILE A 21 4.24 -15.17 -9.16
C ILE A 21 3.59 -13.96 -9.81
N GLY A 22 4.28 -13.37 -10.79
CA GLY A 22 3.76 -12.20 -11.47
C GLY A 22 4.67 -11.61 -12.52
N GLU A 23 4.11 -10.64 -13.23
CA GLU A 23 4.86 -9.94 -14.25
C GLU A 23 5.20 -8.56 -13.69
N GLY A 24 6.34 -8.07 -14.13
CA GLY A 24 6.81 -6.76 -13.74
C GLY A 24 7.23 -6.04 -14.99
N GLN A 25 7.41 -4.73 -14.87
CA GLN A 25 7.84 -3.88 -15.97
C GLN A 25 9.20 -4.26 -16.55
N PHE A 26 10.10 -4.78 -15.70
CA PHE A 26 11.47 -5.10 -16.10
C PHE A 26 11.76 -6.60 -16.29
N GLY A 27 10.81 -7.43 -15.90
CA GLY A 27 10.96 -8.88 -16.00
C GLY A 27 10.05 -9.55 -15.01
N ASP A 28 10.05 -10.86 -15.02
CA ASP A 28 9.23 -11.66 -14.13
C ASP A 28 9.59 -11.47 -12.67
N VAL A 29 8.58 -11.59 -11.84
CA VAL A 29 8.66 -11.52 -10.39
C VAL A 29 8.43 -12.97 -9.94
N HIS A 30 9.34 -13.49 -9.12
CA HIS A 30 9.25 -14.85 -8.60
C HIS A 30 9.17 -14.84 -7.09
N GLN A 31 8.77 -15.95 -6.50
CA GLN A 31 8.90 -16.12 -5.07
C GLN A 31 10.18 -17.01 -4.92
N GLY A 32 10.75 -17.04 -3.74
CA GLY A 32 11.92 -17.85 -3.51
C GLY A 32 12.27 -17.91 -2.06
N ILE A 33 13.44 -18.47 -1.77
CA ILE A 33 13.92 -18.59 -0.40
C ILE A 33 15.31 -18.00 -0.32
N TYR A 34 15.54 -17.17 0.70
CA TYR A 34 16.86 -16.59 0.94
C TYR A 34 17.47 -17.28 2.17
N MET A 35 18.55 -18.04 1.95
CA MET A 35 19.28 -18.76 3.00
C MET A 35 20.37 -17.79 3.47
N SER A 36 19.95 -16.76 4.23
N SER A 36 19.94 -16.76 4.23
CA SER A 36 20.78 -15.68 4.76
CA SER A 36 19.57 -15.27 5.38
CA SER A 36 20.76 -15.67 4.76
C SER A 36 21.96 -16.18 5.59
C SER A 36 21.96 -16.17 5.60
N PRO A 37 23.15 -15.55 5.47
CA PRO A 37 24.30 -15.97 6.30
C PRO A 37 24.21 -15.47 7.75
N GLU A 38 23.37 -14.46 8.04
CA GLU A 38 23.24 -13.85 9.38
C GLU A 38 21.90 -14.11 10.09
N ASN A 39 20.83 -14.32 9.31
CA ASN A 39 19.48 -14.55 9.83
C ASN A 39 18.91 -15.92 9.43
N PRO A 40 17.85 -16.44 10.10
CA PRO A 40 17.22 -17.68 9.65
C PRO A 40 16.61 -17.53 8.23
N ALA A 41 16.50 -18.65 7.49
CA ALA A 41 15.93 -18.66 6.13
C ALA A 41 14.57 -17.98 6.10
N LEU A 42 14.31 -17.23 5.02
CA LEU A 42 13.13 -16.40 4.83
C LEU A 42 12.54 -16.54 3.41
N ALA A 43 11.22 -16.45 3.28
CA ALA A 43 10.56 -16.48 1.98
C ALA A 43 10.69 -15.06 1.43
N VAL A 44 11.03 -14.95 0.15
CA VAL A 44 11.24 -13.66 -0.53
C VAL A 44 10.50 -13.58 -1.87
N ALA A 45 10.23 -12.35 -2.31
CA ALA A 45 9.74 -12.03 -3.65
C ALA A 45 10.98 -11.50 -4.35
N ILE A 46 11.20 -11.93 -5.57
CA ILE A 46 12.38 -11.59 -6.33
C ILE A 46 11.95 -10.93 -7.63
N LYS A 47 12.31 -9.67 -7.78
CA LYS A 47 12.04 -8.94 -9.03
C LYS A 47 13.27 -9.11 -9.89
N THR A 48 13.09 -9.60 -11.11
CA THR A 48 14.22 -9.77 -12.04
C THR A 48 14.21 -8.62 -13.08
N CYS A 49 15.34 -8.39 -13.75
CA CYS A 49 15.43 -7.33 -14.75
C CYS A 49 16.13 -7.86 -15.98
N LYS A 50 15.38 -8.09 -17.03
CA LYS A 50 15.95 -8.69 -18.24
C LYS A 50 17.06 -7.87 -18.92
N ASN A 51 16.88 -6.54 -19.05
CA ASN A 51 17.85 -5.71 -19.77
C ASN A 51 18.69 -4.77 -18.90
N CYS A 52 18.90 -5.15 -17.62
CA CYS A 52 19.68 -4.34 -16.67
C CYS A 52 21.17 -4.36 -16.95
N THR A 53 21.57 -5.08 -17.99
CA THR A 53 22.93 -5.02 -18.48
C THR A 53 23.20 -3.58 -19.06
N SER A 54 22.13 -2.83 -19.37
CA SER A 54 22.16 -1.43 -19.84
C SER A 54 22.04 -0.53 -18.61
N ASP A 55 22.96 0.44 -18.45
CA ASP A 55 23.03 1.35 -17.29
C ASP A 55 21.76 2.14 -17.05
N SER A 56 21.12 2.65 -18.12
CA SER A 56 19.88 3.41 -17.97
C SER A 56 18.71 2.52 -17.50
N VAL A 57 18.63 1.27 -17.99
CA VAL A 57 17.57 0.34 -17.56
C VAL A 57 17.77 -0.01 -16.06
N ARG A 58 19.04 -0.31 -15.69
CA ARG A 58 19.43 -0.66 -14.34
C ARG A 58 19.10 0.45 -13.34
N GLU A 59 19.38 1.70 -13.70
CA GLU A 59 19.10 2.83 -12.82
C GLU A 59 17.60 2.99 -12.64
N LYS A 60 16.81 2.86 -13.71
CA LYS A 60 15.34 2.96 -13.56
C LYS A 60 14.80 1.83 -12.65
N PHE A 61 15.23 0.59 -12.87
CA PHE A 61 14.80 -0.57 -12.08
C PHE A 61 15.15 -0.41 -10.59
N LEU A 62 16.38 0.01 -10.28
CA LEU A 62 16.89 0.12 -8.91
C LEU A 62 16.33 1.30 -8.12
N GLN A 63 15.59 2.23 -8.74
CA GLN A 63 14.90 3.32 -8.06
C GLN A 63 14.02 2.71 -6.95
N GLU A 64 13.45 1.52 -7.20
CA GLU A 64 12.56 0.91 -6.22
C GLU A 64 13.36 0.53 -4.97
N ALA A 65 14.58 -0.06 -5.16
CA ALA A 65 15.41 -0.43 -4.02
C ALA A 65 15.85 0.83 -3.26
N LEU A 66 16.17 1.92 -3.96
CA LEU A 66 16.61 3.18 -3.37
C LEU A 66 15.53 3.78 -2.49
N THR A 67 14.27 3.73 -2.95
CA THR A 67 13.17 4.26 -2.14
C THR A 67 12.92 3.34 -0.91
N MET A 68 12.77 2.03 -1.11
CA MET A 68 12.46 1.05 -0.06
C MET A 68 13.50 0.95 1.05
N ARG A 69 14.79 1.06 0.69
CA ARG A 69 15.94 0.98 1.60
CA ARG A 69 15.94 0.99 1.59
C ARG A 69 15.83 1.98 2.77
N GLN A 70 15.14 3.11 2.58
CA GLN A 70 15.00 4.16 3.60
C GLN A 70 14.17 3.73 4.81
N PHE A 71 13.30 2.74 4.64
CA PHE A 71 12.33 2.42 5.64
C PHE A 71 12.55 1.08 6.27
N ASP A 72 12.19 0.97 7.54
CA ASP A 72 12.28 -0.27 8.31
C ASP A 72 11.12 -0.23 9.32
N HIS A 73 10.03 -0.92 9.02
CA HIS A 73 8.82 -0.94 9.86
C HIS A 73 8.14 -2.30 9.72
N PRO A 74 7.55 -2.86 10.80
CA PRO A 74 6.92 -4.19 10.68
C PRO A 74 5.72 -4.23 9.73
N HIS A 75 5.13 -3.07 9.33
CA HIS A 75 3.97 -3.11 8.44
C HIS A 75 4.21 -2.41 7.13
N ILE A 76 5.49 -2.33 6.72
CA ILE A 76 5.89 -1.82 5.42
C ILE A 76 6.73 -2.94 4.80
N VAL A 77 6.51 -3.26 3.49
CA VAL A 77 7.32 -4.32 2.83
C VAL A 77 8.82 -3.96 2.94
N LYS A 78 9.64 -4.89 3.46
CA LYS A 78 11.07 -4.68 3.66
C LYS A 78 11.88 -5.08 2.44
N LEU A 79 12.89 -4.28 2.13
CA LEU A 79 13.85 -4.60 1.11
C LEU A 79 14.86 -5.48 1.81
N ILE A 80 15.13 -6.68 1.26
CA ILE A 80 16.09 -7.61 1.84
C ILE A 80 17.48 -7.30 1.26
N GLY A 81 17.52 -7.06 -0.05
CA GLY A 81 18.79 -6.72 -0.69
C GLY A 81 18.71 -6.69 -2.19
N VAL A 82 19.86 -6.48 -2.84
CA VAL A 82 19.94 -6.39 -4.30
C VAL A 82 21.10 -7.24 -4.79
N ILE A 83 21.00 -7.74 -6.00
CA ILE A 83 22.13 -8.43 -6.65
C ILE A 83 22.42 -7.53 -7.84
N THR A 84 23.54 -6.80 -7.84
CA THR A 84 23.86 -5.87 -8.95
C THR A 84 24.70 -6.51 -10.08
N GLU A 85 25.03 -7.79 -9.96
CA GLU A 85 25.72 -8.52 -11.02
C GLU A 85 24.60 -9.03 -11.94
N ASN A 86 24.83 -9.01 -13.26
CA ASN A 86 23.86 -9.45 -14.26
C ASN A 86 23.52 -10.96 -14.11
N PRO A 87 22.22 -11.36 -14.09
CA PRO A 87 21.00 -10.54 -14.13
C PRO A 87 20.69 -9.92 -12.75
N VAL A 88 20.42 -8.62 -12.77
CA VAL A 88 20.13 -7.80 -11.59
C VAL A 88 18.80 -8.22 -10.99
N TRP A 89 18.79 -8.46 -9.68
CA TRP A 89 17.58 -8.82 -8.94
C TRP A 89 17.38 -7.87 -7.76
N ILE A 90 16.13 -7.61 -7.42
CA ILE A 90 15.77 -6.88 -6.20
C ILE A 90 15.09 -7.90 -5.31
N ILE A 91 15.52 -8.00 -4.06
CA ILE A 91 14.97 -9.02 -3.14
C ILE A 91 14.20 -8.36 -2.03
N MET A 92 12.90 -8.65 -1.92
CA MET A 92 12.04 -8.09 -0.87
C MET A 92 11.43 -9.21 -0.08
N GLU A 93 10.83 -8.90 1.08
CA GLU A 93 10.15 -9.94 1.84
C GLU A 93 8.89 -10.43 1.09
N LEU A 94 8.61 -11.72 1.16
CA LEU A 94 7.41 -12.23 0.53
C LEU A 94 6.23 -12.12 1.51
N CYS A 95 5.07 -11.66 1.00
CA CYS A 95 3.80 -11.63 1.74
C CYS A 95 3.02 -12.78 1.13
N THR A 96 3.08 -13.94 1.81
CA THR A 96 2.59 -15.24 1.31
C THR A 96 1.13 -15.26 0.97
N LEU A 97 0.28 -14.46 1.65
CA LEU A 97 -1.15 -14.53 1.35
C LEU A 97 -1.60 -13.60 0.22
N GLY A 98 -0.68 -12.83 -0.35
CA GLY A 98 -0.97 -12.00 -1.52
C GLY A 98 -1.72 -10.70 -1.31
N GLU A 99 -2.37 -10.24 -2.37
CA GLU A 99 -3.11 -8.96 -2.40
C GLU A 99 -4.22 -8.91 -1.38
N LEU A 100 -4.36 -7.78 -0.67
CA LEU A 100 -5.41 -7.63 0.34
C LEU A 100 -6.84 -7.74 -0.21
N ARG A 101 -7.13 -7.13 -1.38
CA ARG A 101 -8.49 -7.19 -1.97
C ARG A 101 -9.02 -8.62 -2.20
N SER A 102 -8.26 -9.47 -2.90
CA SER A 102 -8.69 -10.86 -3.12
C SER A 102 -8.82 -11.60 -1.81
N PHE A 103 -7.88 -11.37 -0.85
CA PHE A 103 -7.89 -12.00 0.48
C PHE A 103 -9.20 -11.71 1.23
N LEU A 104 -9.62 -10.43 1.23
CA LEU A 104 -10.85 -9.99 1.89
C LEU A 104 -12.11 -10.54 1.21
N GLN A 105 -12.10 -10.60 -0.14
CA GLN A 105 -13.25 -11.11 -0.92
C GLN A 105 -13.48 -12.59 -0.66
N VAL A 106 -12.41 -13.39 -0.70
CA VAL A 106 -12.45 -14.84 -0.47
C VAL A 106 -12.89 -15.15 1.00
N ARG A 107 -12.40 -14.37 1.96
CA ARG A 107 -12.69 -14.63 3.37
C ARG A 107 -13.78 -13.76 3.96
N LYS A 108 -14.65 -13.16 3.11
CA LYS A 108 -15.72 -12.28 3.59
C LYS A 108 -16.54 -12.86 4.77
N TYR A 109 -16.91 -14.14 4.69
CA TYR A 109 -17.76 -14.73 5.73
C TYR A 109 -16.97 -15.40 6.86
N SER A 110 -15.64 -15.46 6.72
CA SER A 110 -14.75 -16.07 7.69
C SER A 110 -14.08 -15.04 8.63
N LEU A 111 -13.79 -13.82 8.13
CA LEU A 111 -13.11 -12.80 8.94
C LEU A 111 -13.98 -12.08 9.93
N ASP A 112 -13.51 -11.95 11.18
CA ASP A 112 -14.24 -11.22 12.19
C ASP A 112 -14.00 -9.72 11.97
N LEU A 113 -14.92 -8.87 12.44
CA LEU A 113 -14.77 -7.40 12.35
C LEU A 113 -13.46 -6.95 13.05
N ALA A 114 -13.09 -7.65 14.14
CA ALA A 114 -11.85 -7.39 14.88
C ALA A 114 -10.62 -7.52 13.94
N SER A 115 -10.62 -8.48 12.99
CA SER A 115 -9.51 -8.65 12.04
C SER A 115 -9.46 -7.49 11.06
N LEU A 116 -10.64 -6.99 10.62
CA LEU A 116 -10.73 -5.84 9.70
C LEU A 116 -10.16 -4.58 10.32
N ILE A 117 -10.53 -4.30 11.60
CA ILE A 117 -10.07 -3.11 12.34
C ILE A 117 -8.59 -3.26 12.60
N LEU A 118 -8.13 -4.49 12.93
CA LEU A 118 -6.70 -4.73 13.14
C LEU A 118 -5.91 -4.36 11.85
N TYR A 119 -6.42 -4.69 10.65
CA TYR A 119 -5.70 -4.35 9.42
C TYR A 119 -5.62 -2.82 9.25
N ALA A 120 -6.73 -2.10 9.55
CA ALA A 120 -6.76 -0.63 9.51
C ALA A 120 -5.73 -0.08 10.50
N TYR A 121 -5.69 -0.67 11.70
CA TYR A 121 -4.73 -0.25 12.73
C TYR A 121 -3.28 -0.43 12.28
N GLN A 122 -2.95 -1.60 11.75
CA GLN A 122 -1.57 -1.90 11.30
C GLN A 122 -1.14 -0.94 10.22
N LEU A 123 -2.04 -0.59 9.28
CA LEU A 123 -1.72 0.33 8.20
C LEU A 123 -1.53 1.76 8.73
N SER A 124 -2.29 2.14 9.76
CA SER A 124 -2.14 3.45 10.40
C SER A 124 -0.77 3.55 11.08
N THR A 125 -0.20 2.42 11.57
CA THR A 125 1.13 2.48 12.19
C THR A 125 2.18 2.68 11.08
N ALA A 126 2.00 2.01 9.93
CA ALA A 126 2.93 2.14 8.79
C ALA A 126 2.90 3.58 8.27
N LEU A 127 1.69 4.19 8.26
CA LEU A 127 1.52 5.55 7.76
C LEU A 127 1.97 6.60 8.74
N ALA A 128 1.85 6.32 10.05
CA ALA A 128 2.38 7.24 11.07
C ALA A 128 3.91 7.23 10.95
N TYR A 129 4.46 6.05 10.62
CA TYR A 129 5.89 5.95 10.42
C TYR A 129 6.33 6.75 9.18
N LEU A 130 5.65 6.59 8.05
CA LEU A 130 6.07 7.34 6.85
C LEU A 130 5.93 8.85 7.07
N GLU A 131 4.84 9.27 7.74
CA GLU A 131 4.63 10.71 8.07
C GLU A 131 5.78 11.25 8.97
N SER A 132 6.30 10.41 9.91
CA SER A 132 7.44 10.79 10.75
C SER A 132 8.69 11.07 9.88
N LYS A 133 8.76 10.40 8.71
CA LYS A 133 9.91 10.61 7.81
C LYS A 133 9.59 11.69 6.79
N ARG A 134 8.42 12.37 6.92
CA ARG A 134 7.92 13.38 5.98
C ARG A 134 7.86 12.79 4.55
N PHE A 135 7.39 11.52 4.46
CA PHE A 135 7.28 10.85 3.18
C PHE A 135 5.80 10.74 2.86
N VAL A 136 5.41 11.24 1.69
CA VAL A 136 4.02 11.18 1.19
C VAL A 136 3.94 9.96 0.26
N HIS A 137 3.01 9.00 0.54
CA HIS A 137 2.87 7.77 -0.29
C HIS A 137 2.21 8.06 -1.63
N ARG A 138 1.12 8.88 -1.62
CA ARG A 138 0.33 9.35 -2.78
C ARG A 138 -0.71 8.35 -3.33
N ASP A 139 -0.67 7.08 -2.91
CA ASP A 139 -1.65 6.11 -3.39
C ASP A 139 -2.07 5.14 -2.29
N ILE A 140 -2.68 5.66 -1.21
CA ILE A 140 -3.15 4.78 -0.14
C ILE A 140 -4.45 4.13 -0.59
N ALA A 141 -4.39 2.83 -0.82
CA ALA A 141 -5.52 2.08 -1.38
C ALA A 141 -5.25 0.61 -1.14
N ALA A 142 -6.31 -0.19 -1.03
CA ALA A 142 -6.16 -1.63 -0.75
C ALA A 142 -5.32 -2.37 -1.80
N ARG A 143 -5.28 -1.88 -3.06
CA ARG A 143 -4.47 -2.47 -4.15
C ARG A 143 -2.96 -2.42 -3.78
N ASN A 144 -2.56 -1.52 -2.85
CA ASN A 144 -1.15 -1.38 -2.48
C ASN A 144 -0.82 -2.07 -1.14
N VAL A 145 -1.72 -2.95 -0.69
CA VAL A 145 -1.52 -3.65 0.58
C VAL A 145 -1.41 -5.15 0.34
N LEU A 146 -0.42 -5.78 0.97
CA LEU A 146 -0.27 -7.25 0.89
C LEU A 146 -0.51 -7.88 2.24
N VAL A 147 -0.81 -9.18 2.26
CA VAL A 147 -1.11 -9.94 3.47
C VAL A 147 0.01 -10.95 3.75
N SER A 148 0.68 -10.81 4.90
CA SER A 148 1.74 -11.73 5.34
C SER A 148 1.14 -12.92 6.05
N SER A 149 0.03 -12.70 6.81
CA SER A 149 -0.73 -13.73 7.54
C SER A 149 -2.11 -13.20 7.87
N ASN A 150 -3.01 -14.07 8.38
CA ASN A 150 -4.38 -13.64 8.70
C ASN A 150 -4.42 -12.53 9.77
N ASP A 151 -3.28 -12.27 10.45
CA ASP A 151 -3.24 -11.18 11.43
C ASP A 151 -2.12 -10.16 11.12
N CYS A 152 -1.64 -10.14 9.88
CA CYS A 152 -0.59 -9.18 9.54
C CYS A 152 -0.65 -8.73 8.09
N VAL A 153 -0.80 -7.40 7.90
CA VAL A 153 -0.81 -6.81 6.55
C VAL A 153 0.40 -5.90 6.41
N LYS A 154 0.82 -5.65 5.17
CA LYS A 154 1.96 -4.78 4.88
C LYS A 154 1.70 -3.83 3.73
N LEU A 155 2.07 -2.58 3.92
CA LEU A 155 1.96 -1.54 2.92
C LEU A 155 3.15 -1.60 1.92
N GLY A 156 2.83 -1.55 0.64
CA GLY A 156 3.80 -1.48 -0.42
C GLY A 156 3.37 -0.45 -1.44
N ASP A 157 3.87 -0.58 -2.68
CA ASP A 157 3.47 0.32 -3.77
C ASP A 157 3.75 -0.37 -5.10
N PHE A 158 2.81 -0.25 -6.07
CA PHE A 158 2.95 -0.96 -7.34
C PHE A 158 2.54 -0.10 -8.52
N GLY A 159 3.11 -0.36 -9.70
CA GLY A 159 2.66 0.34 -10.90
C GLY A 159 3.73 0.97 -11.75
N LEU A 160 3.49 0.93 -13.08
CA LEU A 160 4.36 1.50 -14.11
C LEU A 160 4.67 3.01 -13.84
N SER A 161 3.67 3.80 -13.42
CA SER A 161 3.87 5.25 -13.14
C SER A 161 4.96 5.53 -12.11
N ARG A 162 5.19 4.60 -11.16
CA ARG A 162 6.25 4.78 -10.14
C ARG A 162 7.67 4.87 -10.75
N TYR A 163 7.91 4.22 -11.89
CA TYR A 163 9.23 4.24 -12.54
C TYR A 163 9.47 5.48 -13.37
N MET A 164 8.37 6.09 -13.85
CA MET A 164 8.39 7.27 -14.72
C MET A 164 8.81 8.55 -14.00
N GLU A 165 9.37 9.51 -14.76
CA GLU A 165 9.78 10.82 -14.24
C GLU A 165 8.51 11.59 -13.86
N ASP A 166 7.54 11.67 -14.80
CA ASP A 166 6.25 12.32 -14.58
C ASP A 166 5.17 11.23 -14.34
N SER A 167 5.07 10.80 -13.06
CA SER A 167 4.16 9.76 -12.58
C SER A 167 2.68 10.07 -12.79
N THR A 168 2.23 11.26 -12.35
CA THR A 168 0.85 11.71 -12.48
C THR A 168 0.42 11.82 -13.95
N TYR A 169 1.33 12.35 -14.81
CA TYR A 169 1.08 12.51 -16.24
C TYR A 169 0.79 11.17 -16.93
N TYR A 170 1.59 10.12 -16.61
CA TYR A 170 1.39 8.79 -17.21
C TYR A 170 -0.02 8.23 -16.93
N LYS A 171 -0.46 8.28 -15.65
CA LYS A 171 -1.77 7.80 -15.20
C LYS A 171 -2.91 8.46 -15.99
N ALA A 172 -2.84 9.79 -16.18
CA ALA A 172 -3.85 10.58 -16.91
C ALA A 172 -3.96 10.16 -18.38
N SER A 173 -2.80 9.88 -19.05
CA SER A 173 -2.70 9.46 -20.45
C SER A 173 -3.51 8.19 -20.73
N LYS A 174 -3.57 7.27 -19.75
CA LYS A 174 -4.29 6.00 -19.81
C LYS A 174 -5.64 6.10 -19.06
N GLY A 175 -5.96 7.30 -18.54
CA GLY A 175 -7.17 7.57 -17.76
C GLY A 175 -7.29 6.75 -16.49
N LYS A 176 -6.14 6.40 -15.89
CA LYS A 176 -6.07 5.57 -14.71
C LYS A 176 -5.74 6.35 -13.43
N LEU A 177 -5.91 7.72 -13.43
CA LEU A 177 -5.71 8.51 -12.21
C LEU A 177 -6.69 7.96 -11.15
N PRO A 178 -6.26 7.71 -9.90
CA PRO A 178 -7.18 7.12 -8.90
C PRO A 178 -8.11 8.17 -8.27
N ILE A 179 -8.89 8.88 -9.12
CA ILE A 179 -9.83 9.94 -8.73
C ILE A 179 -10.71 9.56 -7.53
N LYS A 180 -11.18 8.29 -7.49
CA LYS A 180 -12.09 7.75 -6.47
C LYS A 180 -11.47 7.61 -5.10
N TRP A 181 -10.13 7.71 -5.01
CA TRP A 181 -9.41 7.65 -3.75
C TRP A 181 -8.86 9.00 -3.36
N MET A 182 -8.73 9.91 -4.33
CA MET A 182 -8.01 11.16 -4.16
C MET A 182 -8.71 12.24 -3.37
N ALA A 183 -7.90 12.98 -2.62
CA ALA A 183 -8.39 14.14 -1.87
C ALA A 183 -8.78 15.24 -2.90
N PRO A 184 -9.76 16.12 -2.58
CA PRO A 184 -10.13 17.19 -3.53
C PRO A 184 -8.94 18.06 -4.00
N GLU A 185 -7.98 18.40 -3.10
CA GLU A 185 -6.84 19.25 -3.47
C GLU A 185 -5.85 18.51 -4.38
N SER A 186 -5.86 17.17 -4.36
CA SER A 186 -5.04 16.36 -5.26
C SER A 186 -5.68 16.37 -6.68
N ILE A 187 -7.01 16.25 -6.75
CA ILE A 187 -7.76 16.29 -8.01
C ILE A 187 -7.67 17.70 -8.65
N ASN A 188 -8.03 18.72 -7.88
CA ASN A 188 -8.07 20.10 -8.38
C ASN A 188 -6.72 20.79 -8.60
N PHE A 189 -5.72 20.52 -7.75
CA PHE A 189 -4.45 21.24 -7.87
C PHE A 189 -3.22 20.35 -7.97
N ARG A 190 -3.38 19.01 -7.94
CA ARG A 190 -2.25 18.06 -7.94
C ARG A 190 -1.36 18.28 -6.70
N ARG A 191 -1.99 18.62 -5.56
CA ARG A 191 -1.28 18.77 -4.29
C ARG A 191 -1.32 17.45 -3.53
N PHE A 192 -0.16 16.90 -3.18
CA PHE A 192 -0.08 15.65 -2.42
C PHE A 192 0.70 15.93 -1.14
N THR A 193 0.06 15.70 0.01
CA THR A 193 0.67 16.02 1.30
C THR A 193 0.32 14.92 2.29
N SER A 194 0.73 15.09 3.56
CA SER A 194 0.38 14.17 4.65
C SER A 194 -1.14 14.15 4.79
N ALA A 195 -1.81 15.33 4.60
CA ALA A 195 -3.27 15.46 4.70
C ALA A 195 -4.01 14.72 3.59
N SER A 196 -3.47 14.72 2.37
CA SER A 196 -4.14 13.98 1.31
C SER A 196 -3.93 12.48 1.51
N ASP A 197 -2.80 12.05 2.14
CA ASP A 197 -2.61 10.61 2.43
C ASP A 197 -3.70 10.19 3.43
N VAL A 198 -4.01 11.07 4.39
CA VAL A 198 -5.06 10.81 5.39
C VAL A 198 -6.40 10.60 4.71
N TRP A 199 -6.75 11.47 3.72
CA TRP A 199 -8.00 11.30 2.96
C TRP A 199 -8.06 9.89 2.33
N MET A 200 -7.00 9.50 1.63
CA MET A 200 -6.87 8.19 0.94
C MET A 200 -6.95 7.05 1.93
N PHE A 201 -6.32 7.21 3.12
CA PHE A 201 -6.38 6.20 4.18
C PHE A 201 -7.83 5.96 4.61
N GLY A 202 -8.62 7.04 4.69
CA GLY A 202 -10.05 6.92 5.02
C GLY A 202 -10.76 6.04 4.00
N VAL A 203 -10.46 6.22 2.70
CA VAL A 203 -11.05 5.41 1.60
C VAL A 203 -10.55 3.96 1.75
N CYS A 204 -9.26 3.78 2.03
CA CYS A 204 -8.69 2.44 2.24
C CYS A 204 -9.35 1.67 3.42
N MET A 205 -9.67 2.34 4.54
CA MET A 205 -10.39 1.76 5.67
C MET A 205 -11.78 1.34 5.24
N TRP A 206 -12.43 2.15 4.40
CA TRP A 206 -13.75 1.87 3.86
C TRP A 206 -13.65 0.60 3.02
N GLU A 207 -12.63 0.48 2.14
CA GLU A 207 -12.47 -0.73 1.30
C GLU A 207 -12.30 -1.99 2.16
N ILE A 208 -11.55 -1.88 3.26
CA ILE A 208 -11.32 -3.03 4.18
C ILE A 208 -12.65 -3.45 4.81
N LEU A 209 -13.40 -2.50 5.38
CA LEU A 209 -14.70 -2.76 6.03
C LEU A 209 -15.74 -3.29 5.02
N MET A 210 -15.58 -2.93 3.73
CA MET A 210 -16.43 -3.40 2.64
C MET A 210 -15.93 -4.71 2.04
N HIS A 211 -14.92 -5.34 2.69
CA HIS A 211 -14.36 -6.63 2.24
C HIS A 211 -13.81 -6.61 0.79
N GLY A 212 -13.09 -5.55 0.46
CA GLY A 212 -12.39 -5.43 -0.80
C GLY A 212 -13.21 -4.99 -2.00
N VAL A 213 -14.30 -4.26 -1.74
CA VAL A 213 -15.17 -3.67 -2.76
C VAL A 213 -14.60 -2.30 -3.07
N LYS A 214 -14.57 -1.92 -4.34
CA LYS A 214 -14.03 -0.61 -4.73
C LYS A 214 -15.01 0.52 -4.42
N PRO A 215 -14.51 1.72 -4.06
CA PRO A 215 -15.43 2.85 -3.81
C PRO A 215 -16.02 3.39 -5.11
N PHE A 216 -17.25 3.94 -5.04
CA PHE A 216 -17.95 4.63 -6.14
C PHE A 216 -18.07 3.77 -7.39
N GLN A 217 -18.31 2.45 -7.22
CA GLN A 217 -18.45 1.54 -8.35
C GLN A 217 -19.66 1.93 -9.19
N GLY A 218 -19.44 2.03 -10.50
CA GLY A 218 -20.49 2.42 -11.44
C GLY A 218 -20.71 3.91 -11.56
N VAL A 219 -19.81 4.71 -10.97
CA VAL A 219 -19.89 6.17 -11.04
C VAL A 219 -18.72 6.63 -11.92
N LYS A 220 -18.97 7.55 -12.86
CA LYS A 220 -17.90 8.09 -13.71
C LYS A 220 -17.02 9.02 -12.87
N ASN A 221 -15.70 9.04 -13.17
CA ASN A 221 -14.71 9.88 -12.48
C ASN A 221 -15.09 11.34 -12.39
N ASN A 222 -15.57 11.93 -13.51
CA ASN A 222 -16.00 13.33 -13.57
C ASN A 222 -17.14 13.67 -12.61
N ASP A 223 -17.97 12.67 -12.28
CA ASP A 223 -19.11 12.83 -11.39
C ASP A 223 -18.72 12.75 -9.89
N VAL A 224 -17.59 12.09 -9.57
CA VAL A 224 -17.09 11.88 -8.20
C VAL A 224 -16.72 13.22 -7.58
N ILE A 225 -15.98 14.01 -8.35
CA ILE A 225 -15.51 15.33 -8.02
C ILE A 225 -16.71 16.20 -7.54
N GLY A 226 -17.74 16.26 -8.37
CA GLY A 226 -18.98 17.00 -8.10
C GLY A 226 -19.67 16.55 -6.83
N ARG A 227 -19.79 15.22 -6.62
CA ARG A 227 -20.43 14.68 -5.42
C ARG A 227 -19.66 15.07 -4.16
N ILE A 228 -18.32 14.89 -4.18
CA ILE A 228 -17.44 15.25 -3.06
C ILE A 228 -17.57 16.77 -2.73
N GLU A 229 -17.46 17.64 -3.76
CA GLU A 229 -17.58 19.11 -3.61
C GLU A 229 -18.91 19.50 -3.02
N ASN A 230 -19.96 18.69 -3.27
CA ASN A 230 -21.32 18.88 -2.77
C ASN A 230 -21.55 18.31 -1.35
N GLY A 231 -20.51 17.73 -0.75
CA GLY A 231 -20.59 17.18 0.60
C GLY A 231 -20.95 15.72 0.74
N GLU A 232 -21.14 15.00 -0.38
CA GLU A 232 -21.45 13.57 -0.34
C GLU A 232 -20.18 12.77 -0.02
N ARG A 233 -20.33 11.68 0.75
CA ARG A 233 -19.23 10.82 1.16
C ARG A 233 -19.65 9.36 1.01
N LEU A 234 -18.66 8.44 0.99
CA LEU A 234 -18.89 7.00 0.93
C LEU A 234 -19.78 6.59 2.11
N PRO A 235 -20.73 5.68 1.93
CA PRO A 235 -21.64 5.37 3.05
C PRO A 235 -21.00 4.52 4.15
N MET A 236 -21.59 4.53 5.34
CA MET A 236 -21.12 3.73 6.46
C MET A 236 -21.21 2.25 6.09
N PRO A 237 -20.11 1.50 6.11
CA PRO A 237 -20.17 0.08 5.77
C PRO A 237 -21.00 -0.69 6.80
N PRO A 238 -21.65 -1.79 6.39
CA PRO A 238 -22.42 -2.57 7.37
C PRO A 238 -21.48 -3.17 8.41
N ASN A 239 -21.93 -3.15 9.66
CA ASN A 239 -21.20 -3.63 10.84
C ASN A 239 -20.01 -2.72 11.21
N CYS A 240 -19.87 -1.56 10.56
CA CYS A 240 -18.83 -0.64 10.94
C CYS A 240 -19.24 0.05 12.25
N PRO A 241 -18.39 0.02 13.30
CA PRO A 241 -18.76 0.72 14.54
C PRO A 241 -18.93 2.21 14.29
N PRO A 242 -19.95 2.89 14.89
CA PRO A 242 -20.13 4.33 14.61
C PRO A 242 -18.90 5.22 14.85
N THR A 243 -18.08 4.89 15.85
CA THR A 243 -16.85 5.62 16.21
C THR A 243 -15.82 5.50 15.08
N LEU A 244 -15.82 4.36 14.38
CA LEU A 244 -14.90 4.14 13.26
C LEU A 244 -15.34 4.98 12.08
N TYR A 245 -16.67 5.02 11.83
CA TYR A 245 -17.18 5.84 10.74
C TYR A 245 -16.93 7.32 11.01
N SER A 246 -17.08 7.79 12.26
CA SER A 246 -16.82 9.17 12.64
CA SER A 246 -16.82 9.17 12.64
C SER A 246 -15.37 9.51 12.29
N LEU A 247 -14.43 8.58 12.60
CA LEU A 247 -13.01 8.74 12.31
C LEU A 247 -12.79 8.86 10.79
N MET A 248 -13.47 8.02 9.97
CA MET A 248 -13.38 8.05 8.49
C MET A 248 -13.93 9.38 7.96
N THR A 249 -15.01 9.88 8.56
CA THR A 249 -15.59 11.15 8.09
C THR A 249 -14.66 12.33 8.41
N LYS A 250 -13.84 12.24 9.47
CA LYS A 250 -12.83 13.27 9.79
C LYS A 250 -11.70 13.25 8.76
N CYS A 251 -11.32 12.04 8.26
CA CYS A 251 -10.29 11.87 7.21
C CYS A 251 -10.77 12.56 5.95
N TRP A 252 -12.10 12.63 5.77
CA TRP A 252 -12.73 13.20 4.60
C TRP A 252 -13.20 14.65 4.77
N ALA A 253 -12.57 15.43 5.66
CA ALA A 253 -12.87 16.86 5.80
C ALA A 253 -12.38 17.52 4.49
N TYR A 254 -13.25 18.32 3.82
CA TYR A 254 -12.85 18.95 2.55
C TYR A 254 -11.59 19.81 2.76
N ASP A 255 -11.56 20.59 3.86
CA ASP A 255 -10.43 21.42 4.26
C ASP A 255 -9.35 20.50 4.85
N PRO A 256 -8.18 20.36 4.19
CA PRO A 256 -7.12 19.45 4.72
C PRO A 256 -6.65 19.77 6.15
N SER A 257 -6.69 21.07 6.56
CA SER A 257 -6.30 21.47 7.92
C SER A 257 -7.25 20.93 9.03
N ARG A 258 -8.43 20.41 8.66
CA ARG A 258 -9.35 19.86 9.66
C ARG A 258 -9.17 18.36 9.81
N ARG A 259 -8.30 17.76 8.98
CA ARG A 259 -8.12 16.30 9.01
C ARG A 259 -7.18 15.87 10.13
N PRO A 260 -7.38 14.69 10.73
CA PRO A 260 -6.42 14.23 11.75
C PRO A 260 -5.08 13.85 11.12
N ARG A 261 -4.05 13.62 11.96
CA ARG A 261 -2.75 13.15 11.51
C ARG A 261 -2.74 11.69 11.87
N PHE A 262 -1.77 10.92 11.35
CA PHE A 262 -1.76 9.48 11.56
C PHE A 262 -1.53 9.02 13.02
N THR A 263 -0.79 9.78 13.84
CA THR A 263 -0.60 9.40 15.26
C THR A 263 -1.97 9.31 15.98
N GLU A 264 -2.88 10.28 15.72
CA GLU A 264 -4.24 10.33 16.29
C GLU A 264 -5.06 9.16 15.75
N LEU A 265 -4.95 8.87 14.43
CA LEU A 265 -5.69 7.76 13.80
C LEU A 265 -5.30 6.44 14.46
N LYS A 266 -4.01 6.22 14.65
CA LYS A 266 -3.45 5.04 15.30
C LYS A 266 -3.96 4.89 16.75
N ALA A 267 -3.90 5.97 17.57
CA ALA A 267 -4.39 5.90 18.95
C ALA A 267 -5.89 5.56 18.98
N GLN A 268 -6.67 6.15 18.06
CA GLN A 268 -8.11 5.91 18.04
C GLN A 268 -8.48 4.52 17.54
N LEU A 269 -7.73 4.02 16.54
CA LEU A 269 -7.96 2.68 16.00
C LEU A 269 -7.61 1.62 17.06
N SER A 270 -6.58 1.85 17.89
CA SER A 270 -6.20 0.99 19.00
C SER A 270 -7.37 0.87 20.02
N THR A 271 -8.04 1.99 20.32
CA THR A 271 -9.20 2.05 21.24
C THR A 271 -10.40 1.31 20.64
N ILE A 272 -10.71 1.56 19.35
CA ILE A 272 -11.85 0.91 18.64
C ILE A 272 -11.62 -0.62 18.62
N LEU A 273 -10.37 -1.04 18.32
CA LEU A 273 -10.00 -2.47 18.29
C LEU A 273 -10.20 -3.12 19.66
N GLU A 274 -9.72 -2.46 20.73
CA GLU A 274 -9.85 -2.92 22.11
C GLU A 274 -11.33 -3.09 22.47
N GLU A 275 -12.14 -2.09 22.15
CA GLU A 275 -13.58 -2.12 22.41
C GLU A 275 -14.27 -3.27 21.64
N GLU A 276 -13.90 -3.48 20.35
CA GLU A 276 -14.45 -4.59 19.54
C GLU A 276 -14.11 -5.96 20.15
N LYS A 277 -12.82 -6.18 20.48
CA LYS A 277 -12.34 -7.43 21.08
C LYS A 277 -12.95 -7.72 22.46
N ALA A 278 -13.35 -6.67 23.23
CA ALA A 278 -13.93 -6.78 24.57
C ALA A 278 -15.38 -7.29 24.56
#